data_8FNS
#
_entry.id   8FNS
#
_cell.length_a   24.099
_cell.length_b   44.398
_cell.length_c   82.316
_cell.angle_alpha   90.000
_cell.angle_beta   90.000
_cell.angle_gamma   90.000
#
_symmetry.space_group_name_H-M   'P 21 21 21'
#
loop_
_entity.id
_entity.type
_entity.pdbx_description
1 polymer 'EF-hand domain-containing protein'
2 non-polymer 'Neodymium Ion'
3 water water
#
_entity_poly.entity_id   1
_entity_poly.type   'polypeptide(L)'
_entity_poly.pdbx_seq_one_letter_code
;VDIAAFDPDKDGTIDLKEALAAGSAAFDKLDPDKDGTLDAKELKGRVSEADLKKLDPDNDGTLDKKEYLAAVEAQFKAAN
PDNDGTIDARELASPAGSALVNLIR
;
_entity_poly.pdbx_strand_id   A
#
loop_
_chem_comp.id
_chem_comp.type
_chem_comp.name
_chem_comp.formula
ND non-polymer 'Neodymium Ion' 'Nd 3'
#
# COMPACT_ATOMS: atom_id res chain seq x y z
N VAL A 1 8.55 8.47 6.62
CA VAL A 1 8.18 7.36 5.75
C VAL A 1 9.30 6.33 5.65
N ASP A 2 10.18 6.31 6.65
CA ASP A 2 11.29 5.37 6.66
C ASP A 2 10.84 4.02 7.24
N ILE A 3 11.75 3.04 7.22
CA ILE A 3 11.42 1.70 7.72
C ILE A 3 10.81 1.78 9.11
N ALA A 4 11.39 2.60 9.99
CA ALA A 4 10.99 2.60 11.39
C ALA A 4 9.50 2.93 11.56
N ALA A 5 8.96 3.78 10.69
CA ALA A 5 7.54 4.15 10.77
C ALA A 5 6.62 2.96 10.55
N PHE A 6 7.12 1.89 9.93
CA PHE A 6 6.30 0.75 9.55
C PHE A 6 6.75 -0.54 10.23
N ASP A 7 7.62 -0.48 11.23
CA ASP A 7 8.25 -1.66 11.83
C ASP A 7 8.03 -1.69 13.34
N PRO A 8 6.80 -1.99 13.79
CA PRO A 8 6.52 -1.97 15.24
C PRO A 8 7.26 -3.02 16.06
N ASP A 9 7.73 -4.12 15.46
CA ASP A 9 8.42 -5.14 16.25
C ASP A 9 9.94 -5.02 16.24
N LYS A 10 10.48 -3.94 15.66
CA LYS A 10 11.87 -3.57 15.93
C LYS A 10 12.86 -4.63 15.44
N ASP A 11 12.58 -5.21 14.28
CA ASP A 11 13.52 -6.11 13.62
C ASP A 11 14.22 -5.46 12.43
N GLY A 12 13.91 -4.19 12.15
CA GLY A 12 14.54 -3.46 11.08
C GLY A 12 13.93 -3.66 9.71
N THR A 13 12.88 -4.46 9.57
CA THR A 13 12.29 -4.67 8.27
C THR A 13 10.76 -4.64 8.36
N ILE A 14 10.11 -4.56 7.20
CA ILE A 14 8.66 -4.55 7.11
C ILE A 14 8.23 -5.90 6.57
N ASP A 15 7.37 -6.61 7.30
CA ASP A 15 6.78 -7.85 6.80
C ASP A 15 5.40 -7.55 6.21
N LEU A 16 4.77 -8.58 5.63
CA LEU A 16 3.51 -8.34 4.94
C LEU A 16 2.43 -7.86 5.90
N LYS A 17 2.36 -8.45 7.10
CA LYS A 17 1.38 -7.99 8.09
C LYS A 17 1.58 -6.52 8.42
N GLU A 18 2.83 -6.08 8.61
CA GLU A 18 3.10 -4.68 8.92
C GLU A 18 2.67 -3.77 7.78
N ALA A 19 2.95 -4.17 6.53
CA ALA A 19 2.52 -3.38 5.39
C ALA A 19 0.99 -3.29 5.31
N LEU A 20 0.32 -4.41 5.57
CA LEU A 20 -1.13 -4.44 5.53
C LEU A 20 -1.74 -3.59 6.64
N ALA A 21 -1.16 -3.65 7.85
CA ALA A 21 -1.67 -2.82 8.94
C ALA A 21 -1.55 -1.33 8.62
N ALA A 22 -0.39 -0.93 8.08
CA ALA A 22 -0.21 0.46 7.66
C ALA A 22 -1.17 0.82 6.52
N GLY A 23 -1.36 -0.11 5.58
CA GLY A 23 -2.30 0.13 4.49
C GLY A 23 -3.73 0.34 4.96
N SER A 24 -4.14 -0.41 5.98
CA SER A 24 -5.48 -0.24 6.53
CA SER A 24 -5.48 -0.24 6.53
C SER A 24 -5.65 1.12 7.18
N ALA A 25 -4.63 1.56 7.94
CA ALA A 25 -4.68 2.88 8.56
C ALA A 25 -4.70 3.98 7.51
N ALA A 26 -3.92 3.80 6.44
CA ALA A 26 -3.93 4.79 5.36
C ALA A 26 -5.29 4.84 4.67
N PHE A 27 -5.86 3.68 4.39
CA PHE A 27 -7.18 3.63 3.78
C PHE A 27 -8.18 4.43 4.59
N ASP A 28 -8.18 4.21 5.91
CA ASP A 28 -9.16 4.86 6.78
C ASP A 28 -9.02 6.38 6.72
N LYS A 29 -7.79 6.89 6.78
CA LYS A 29 -7.61 8.33 6.77
C LYS A 29 -7.85 8.94 5.38
N LEU A 30 -7.72 8.14 4.32
CA LEU A 30 -7.94 8.62 2.96
C LEU A 30 -9.41 8.62 2.57
N ASP A 31 -10.30 8.10 3.43
CA ASP A 31 -11.74 8.01 3.16
C ASP A 31 -12.52 8.85 4.16
N PRO A 32 -12.35 10.19 4.14
CA PRO A 32 -13.04 11.02 5.14
C PRO A 32 -14.55 11.05 4.99
N ASP A 33 -15.09 10.77 3.80
CA ASP A 33 -16.53 10.76 3.65
C ASP A 33 -17.16 9.42 4.05
N LYS A 34 -16.37 8.49 4.59
CA LYS A 34 -16.87 7.32 5.31
C LYS A 34 -17.79 6.45 4.46
N ASP A 35 -17.55 6.36 3.16
CA ASP A 35 -18.34 5.48 2.31
C ASP A 35 -17.72 4.09 2.16
N GLY A 36 -16.54 3.87 2.74
CA GLY A 36 -15.90 2.57 2.66
C GLY A 36 -15.14 2.29 1.38
N THR A 37 -14.98 3.29 0.51
CA THR A 37 -14.21 3.10 -0.72
C THR A 37 -13.38 4.36 -0.99
N LEU A 38 -12.36 4.17 -1.84
CA LEU A 38 -11.50 5.26 -2.28
C LEU A 38 -11.66 5.46 -3.78
N ASP A 39 -11.85 6.70 -4.22
CA ASP A 39 -11.94 7.04 -5.63
C ASP A 39 -10.69 7.78 -6.08
N ALA A 40 -10.64 8.11 -7.37
CA ALA A 40 -9.47 8.76 -7.93
C ALA A 40 -9.16 10.08 -7.23
N LYS A 41 -10.21 10.82 -6.84
CA LYS A 41 -10.00 12.08 -6.14
C LYS A 41 -9.32 11.87 -4.79
N GLU A 42 -9.78 10.87 -4.03
CA GLU A 42 -9.20 10.59 -2.72
C GLU A 42 -7.78 10.08 -2.81
N LEU A 43 -7.42 9.42 -3.91
CA LEU A 43 -6.11 8.81 -4.07
C LEU A 43 -5.14 9.67 -4.88
N LYS A 44 -5.53 10.90 -5.22
CA LYS A 44 -4.68 11.77 -6.02
C LYS A 44 -3.35 12.00 -5.31
N GLY A 45 -2.25 11.87 -6.05
CA GLY A 45 -0.93 11.99 -5.50
C GLY A 45 -0.32 10.67 -5.05
N ARG A 46 -1.13 9.67 -4.75
CA ARG A 46 -0.67 8.34 -4.37
C ARG A 46 -0.86 7.33 -5.48
N VAL A 47 -2.08 7.21 -6.02
CA VAL A 47 -2.40 6.27 -7.08
C VAL A 47 -3.05 7.07 -8.21
N SER A 48 -2.47 7.01 -9.39
CA SER A 48 -3.03 7.72 -10.54
C SER A 48 -4.32 7.06 -10.98
N GLU A 49 -5.12 7.82 -11.73
CA GLU A 49 -6.37 7.27 -12.28
C GLU A 49 -6.10 6.04 -13.14
N ALA A 50 -5.00 6.05 -13.90
CA ALA A 50 -4.68 4.92 -14.75
C ALA A 50 -4.35 3.69 -13.93
N ASP A 51 -3.60 3.86 -12.83
CA ASP A 51 -3.27 2.72 -11.98
C ASP A 51 -4.47 2.25 -11.18
N LEU A 52 -5.38 3.15 -10.83
CA LEU A 52 -6.56 2.74 -10.07
C LEU A 52 -7.39 1.71 -10.85
N LYS A 53 -7.56 1.93 -12.16
CA LYS A 53 -8.33 0.97 -12.96
C LYS A 53 -7.74 -0.42 -12.88
N LYS A 54 -6.41 -0.53 -12.87
CA LYS A 54 -5.76 -1.84 -12.80
C LYS A 54 -6.01 -2.56 -11.49
N LEU A 55 -6.31 -1.81 -10.42
CA LEU A 55 -6.49 -2.35 -9.09
C LEU A 55 -7.95 -2.58 -8.72
N ASP A 56 -8.88 -2.29 -9.64
CA ASP A 56 -10.32 -2.31 -9.41
C ASP A 56 -10.94 -3.38 -10.30
N PRO A 57 -10.92 -4.65 -9.86
CA PRO A 57 -11.37 -5.72 -10.76
C PRO A 57 -12.83 -5.62 -11.18
N ASP A 58 -13.70 -5.07 -10.34
CA ASP A 58 -15.11 -5.00 -10.70
C ASP A 58 -15.51 -3.71 -11.41
N ASN A 59 -14.56 -2.82 -11.69
CA ASN A 59 -14.77 -1.66 -12.55
C ASN A 59 -15.95 -0.80 -12.11
N ASP A 60 -16.03 -0.55 -10.81
CA ASP A 60 -17.00 0.37 -10.24
C ASP A 60 -16.38 1.74 -9.97
N GLY A 61 -15.11 1.93 -10.30
CA GLY A 61 -14.44 3.20 -10.15
C GLY A 61 -13.87 3.48 -8.78
N THR A 62 -13.98 2.55 -7.83
CA THR A 62 -13.48 2.77 -6.47
C THR A 62 -12.80 1.51 -5.95
N LEU A 63 -11.99 1.70 -4.92
CA LEU A 63 -11.31 0.61 -4.23
C LEU A 63 -11.90 0.49 -2.82
N ASP A 64 -12.48 -0.67 -2.51
CA ASP A 64 -12.87 -0.95 -1.14
C ASP A 64 -11.62 -1.39 -0.37
N LYS A 65 -11.75 -1.64 0.93
CA LYS A 65 -10.55 -1.95 1.72
C LYS A 65 -9.91 -3.26 1.26
N LYS A 66 -10.72 -4.25 0.89
CA LYS A 66 -10.17 -5.51 0.39
C LYS A 66 -9.34 -5.28 -0.88
N GLU A 67 -9.87 -4.50 -1.82
CA GLU A 67 -9.13 -4.20 -3.04
C GLU A 67 -7.86 -3.41 -2.74
N TYR A 68 -7.95 -2.44 -1.83
CA TYR A 68 -6.78 -1.63 -1.49
C TYR A 68 -5.71 -2.49 -0.83
N LEU A 69 -6.11 -3.34 0.10
CA LEU A 69 -5.12 -4.21 0.75
C LEU A 69 -4.52 -5.21 -0.23
N ALA A 70 -5.29 -5.70 -1.19
CA ALA A 70 -4.71 -6.54 -2.24
C ALA A 70 -3.68 -5.75 -3.05
N ALA A 71 -3.95 -4.46 -3.30
CA ALA A 71 -2.96 -3.62 -3.99
C ALA A 71 -1.70 -3.45 -3.15
N VAL A 72 -1.84 -3.28 -1.83
CA VAL A 72 -0.68 -3.23 -0.95
C VAL A 72 0.14 -4.50 -1.05
N GLU A 73 -0.52 -5.66 -1.05
CA GLU A 73 0.22 -6.90 -1.14
CA GLU A 73 0.20 -6.91 -1.15
C GLU A 73 0.94 -7.02 -2.48
N ALA A 74 0.29 -6.63 -3.58
CA ALA A 74 0.94 -6.72 -4.87
C ALA A 74 2.17 -5.81 -4.92
N GLN A 75 2.06 -4.60 -4.36
CA GLN A 75 3.18 -3.67 -4.39
C GLN A 75 4.30 -4.10 -3.45
N PHE A 76 3.95 -4.71 -2.31
CA PHE A 76 4.95 -5.29 -1.43
C PHE A 76 5.77 -6.35 -2.17
N LYS A 77 5.07 -7.26 -2.86
CA LYS A 77 5.77 -8.29 -3.62
CA LYS A 77 5.78 -8.29 -3.60
C LYS A 77 6.63 -7.69 -4.72
N ALA A 78 6.10 -6.69 -5.43
CA ALA A 78 6.87 -6.03 -6.48
C ALA A 78 8.13 -5.36 -5.95
N ALA A 79 8.07 -4.84 -4.73
CA ALA A 79 9.23 -4.20 -4.11
C ALA A 79 10.16 -5.19 -3.43
N ASN A 80 9.80 -6.47 -3.38
CA ASN A 80 10.57 -7.49 -2.66
C ASN A 80 10.89 -8.66 -3.58
N PRO A 81 11.69 -8.43 -4.63
CA PRO A 81 11.94 -9.50 -5.61
C PRO A 81 12.74 -10.68 -5.08
N ASP A 82 13.42 -10.54 -3.93
CA ASP A 82 14.10 -11.69 -3.34
C ASP A 82 13.13 -12.66 -2.65
N ASN A 83 11.85 -12.30 -2.56
CA ASN A 83 10.81 -13.23 -2.11
C ASN A 83 11.12 -13.79 -0.71
N ASP A 84 11.66 -12.95 0.15
CA ASP A 84 12.08 -13.38 1.49
C ASP A 84 11.13 -12.91 2.59
N GLY A 85 9.94 -12.43 2.23
CA GLY A 85 8.95 -12.07 3.22
C GLY A 85 9.15 -10.73 3.90
N THR A 86 10.27 -10.02 3.67
CA THR A 86 10.48 -8.75 4.34
C THR A 86 11.11 -7.73 3.39
N ILE A 87 10.76 -6.46 3.64
CA ILE A 87 11.33 -5.32 2.93
C ILE A 87 12.29 -4.59 3.87
N ASP A 88 13.54 -4.45 3.41
CA ASP A 88 14.58 -3.75 4.15
C ASP A 88 14.72 -2.33 3.61
N ALA A 89 15.66 -1.59 4.20
CA ALA A 89 15.81 -0.17 3.84
C ALA A 89 16.18 0.00 2.36
N ARG A 90 17.03 -0.89 1.81
CA ARG A 90 17.39 -0.82 0.40
C ARG A 90 16.17 -1.00 -0.48
N GLU A 91 15.34 -1.99 -0.16
CA GLU A 91 14.16 -2.27 -0.97
C GLU A 91 13.13 -1.15 -0.85
N LEU A 92 12.98 -0.58 0.35
CA LEU A 92 12.02 0.51 0.52
C LEU A 92 12.42 1.71 -0.31
N ALA A 93 13.72 1.94 -0.50
CA ALA A 93 14.23 3.07 -1.25
C ALA A 93 14.12 2.89 -2.77
N SER A 94 13.92 1.65 -3.23
CA SER A 94 13.86 1.37 -4.65
C SER A 94 12.63 2.03 -5.28
N PRO A 95 12.58 2.13 -6.62
CA PRO A 95 11.39 2.71 -7.23
C PRO A 95 10.10 1.98 -6.86
N ALA A 96 10.12 0.65 -6.85
CA ALA A 96 8.93 -0.09 -6.43
C ALA A 96 8.63 0.14 -4.96
N GLY A 97 9.67 0.27 -4.14
CA GLY A 97 9.47 0.59 -2.72
C GLY A 97 8.77 1.90 -2.52
N SER A 98 9.13 2.91 -3.32
CA SER A 98 8.48 4.22 -3.20
C SER A 98 6.99 4.12 -3.48
N ALA A 99 6.59 3.24 -4.41
CA ALA A 99 5.18 3.07 -4.70
C ALA A 99 4.46 2.37 -3.56
N LEU A 100 5.14 1.45 -2.87
CA LEU A 100 4.56 0.87 -1.65
C LEU A 100 4.35 1.94 -0.59
N VAL A 101 5.37 2.78 -0.37
CA VAL A 101 5.25 3.87 0.61
C VAL A 101 4.06 4.76 0.30
N ASN A 102 3.81 5.04 -0.98
CA ASN A 102 2.70 5.91 -1.32
C ASN A 102 1.34 5.27 -1.01
N LEU A 103 1.26 3.92 -0.90
CA LEU A 103 0.03 3.26 -0.48
C LEU A 103 -0.12 3.23 1.05
N ILE A 104 0.98 3.12 1.78
CA ILE A 104 0.91 2.82 3.21
C ILE A 104 1.25 3.99 4.12
N ARG A 105 1.73 5.12 3.58
CA ARG A 105 2.12 6.25 4.42
C ARG A 105 0.91 6.98 4.97
ND ND B . 9.18 -6.02 11.34
ND ND C . -14.77 7.69 -0.37
ND ND D . -14.24 -1.80 -6.67
ND ND E . 13.84 -8.63 1.06
#